data_3G4W
#
_entry.id   3G4W
#
_cell.length_a   93.300
_cell.length_b   43.950
_cell.length_c   83.630
_cell.angle_alpha   90.00
_cell.angle_beta   121.79
_cell.angle_gamma   90.00
#
_symmetry.space_group_name_H-M   'C 1 2 1'
#
loop_
_entity.id
_entity.type
_entity.pdbx_description
1 polymer GLOBIN-1
2 non-polymer 'PROTOPORPHYRIN IX CONTAINING FE'
3 non-polymer 'CARBON MONOXIDE'
4 non-polymer chlorobenzene
5 water water
#
_entity_poly.entity_id   1
_entity_poly.type   'polypeptide(L)'
_entity_poly.pdbx_seq_one_letter_code
;PSVYDAAAQLTADVKKDLRDSWKVIGSDKKGNGVALMTTLFADNQETIGYFKRLGDVSQGMANDKLRGHSITLMYALQNF
IDQLDNPDDLVCVVEKFAVNHITRKISAAEFGKINGPIKKVLASKNFGDKYANAWAKLVAVVQAAL
;
_entity_poly.pdbx_strand_id   A,B
#
# COMPACT_ATOMS: atom_id res chain seq x y z
N SER A 2 -10.02 -20.53 7.99
CA SER A 2 -10.41 -19.36 8.82
C SER A 2 -9.25 -18.40 9.02
N VAL A 3 -9.38 -17.20 8.47
CA VAL A 3 -8.33 -16.20 8.60
C VAL A 3 -8.13 -15.85 10.07
N TYR A 4 -9.19 -15.95 10.85
CA TYR A 4 -9.13 -15.64 12.28
C TYR A 4 -8.30 -16.67 13.05
N ASP A 5 -8.44 -17.94 12.69
CA ASP A 5 -7.66 -18.98 13.37
C ASP A 5 -6.20 -18.84 12.92
N ALA A 6 -5.98 -18.47 11.68
CA ALA A 6 -4.63 -18.29 11.15
C ALA A 6 -3.95 -17.12 11.85
N ALA A 7 -4.68 -16.04 12.05
CA ALA A 7 -4.16 -14.85 12.73
C ALA A 7 -3.78 -15.18 14.18
N ALA A 8 -4.48 -16.15 14.76
CA ALA A 8 -4.23 -16.57 16.14
C ALA A 8 -2.88 -17.28 16.26
N GLN A 9 -2.36 -17.76 15.14
CA GLN A 9 -1.08 -18.45 15.14
C GLN A 9 0.10 -17.49 15.28
N LEU A 10 -0.17 -16.19 15.18
CA LEU A 10 0.90 -15.21 15.32
C LEU A 10 1.14 -14.93 16.80
N THR A 11 1.90 -15.82 17.43
CA THR A 11 2.23 -15.70 18.85
C THR A 11 3.28 -14.62 19.11
N ALA A 12 3.56 -14.38 20.38
CA ALA A 12 4.54 -13.37 20.78
C ALA A 12 5.91 -13.56 20.13
N ASP A 13 6.39 -14.80 20.09
CA ASP A 13 7.69 -15.09 19.51
C ASP A 13 7.70 -14.86 18.00
N VAL A 14 6.62 -15.25 17.33
CA VAL A 14 6.51 -15.08 15.89
C VAL A 14 6.46 -13.59 15.53
N LYS A 15 5.67 -12.83 16.28
CA LYS A 15 5.56 -11.41 16.02
C LYS A 15 6.91 -10.72 16.22
N LYS A 16 7.67 -11.18 17.20
CA LYS A 16 8.99 -10.59 17.47
C LYS A 16 9.95 -10.85 16.30
N ASP A 17 9.96 -12.09 15.79
CA ASP A 17 10.83 -12.43 14.67
C ASP A 17 10.46 -11.65 13.43
N LEU A 18 9.16 -11.46 13.22
CA LEU A 18 8.69 -10.70 12.06
C LEU A 18 9.19 -9.27 12.15
N ARG A 19 9.05 -8.66 13.34
CA ARG A 19 9.47 -7.28 13.55
C ARG A 19 10.98 -7.10 13.43
N ASP A 20 11.73 -7.98 14.06
CA ASP A 20 13.19 -7.89 14.03
C ASP A 20 13.72 -8.04 12.61
N SER A 21 13.17 -8.99 11.85
CA SER A 21 13.64 -9.17 10.47
C SER A 21 13.17 -8.02 9.57
N TRP A 22 11.97 -7.50 9.81
CA TRP A 22 11.45 -6.40 9.00
C TRP A 22 12.26 -5.12 9.16
N LYS A 23 12.81 -4.89 10.35
CA LYS A 23 13.61 -3.69 10.58
C LYS A 23 14.74 -3.66 9.55
N VAL A 24 15.31 -4.82 9.27
CA VAL A 24 16.39 -4.91 8.28
C VAL A 24 15.84 -4.93 6.85
N ILE A 25 14.94 -5.86 6.55
CA ILE A 25 14.38 -5.97 5.22
C ILE A 25 13.61 -4.73 4.76
N GLY A 26 12.77 -4.19 5.62
CA GLY A 26 12.00 -3.00 5.26
C GLY A 26 12.80 -1.72 5.09
N SER A 27 14.09 -1.74 5.42
CA SER A 27 14.93 -0.55 5.30
C SER A 27 15.34 -0.26 3.86
N ASP A 28 15.09 -1.21 2.97
CA ASP A 28 15.41 -1.04 1.55
C ASP A 28 14.29 -1.70 0.78
N LYS A 29 13.14 -1.04 0.74
CA LYS A 29 11.97 -1.57 0.08
C LYS A 29 12.16 -1.78 -1.42
N LYS A 30 12.81 -0.81 -2.08
CA LYS A 30 13.04 -0.91 -3.51
C LYS A 30 13.93 -2.09 -3.86
N GLY A 31 15.07 -2.17 -3.20
CA GLY A 31 16.02 -3.24 -3.47
C GLY A 31 15.51 -4.63 -3.13
N ASN A 32 14.99 -4.80 -1.92
CA ASN A 32 14.50 -6.10 -1.49
C ASN A 32 13.19 -6.48 -2.16
N GLY A 33 12.38 -5.48 -2.50
CA GLY A 33 11.12 -5.76 -3.17
C GLY A 33 11.36 -6.30 -4.57
N VAL A 34 12.29 -5.69 -5.29
CA VAL A 34 12.60 -6.14 -6.65
C VAL A 34 13.30 -7.48 -6.61
N ALA A 35 14.12 -7.68 -5.57
CA ALA A 35 14.83 -8.94 -5.41
C ALA A 35 13.82 -10.07 -5.18
N LEU A 36 12.81 -9.79 -4.37
CA LEU A 36 11.77 -10.78 -4.09
C LEU A 36 11.05 -11.20 -5.36
N MET A 37 10.63 -10.20 -6.14
CA MET A 37 9.91 -10.45 -7.38
C MET A 37 10.74 -11.17 -8.43
N THR A 38 11.99 -10.75 -8.62
CA THR A 38 12.86 -11.39 -9.61
C THR A 38 13.13 -12.83 -9.22
N THR A 39 13.26 -13.09 -7.93
CA THR A 39 13.50 -14.44 -7.44
C THR A 39 12.27 -15.29 -7.73
N LEU A 40 11.08 -14.72 -7.51
CA LEU A 40 9.83 -15.43 -7.79
C LEU A 40 9.77 -15.84 -9.26
N PHE A 41 10.06 -14.91 -10.15
CA PHE A 41 10.02 -15.16 -11.58
C PHE A 41 11.07 -16.17 -12.05
N ALA A 42 12.25 -16.11 -11.45
CA ALA A 42 13.33 -17.02 -11.81
C ALA A 42 13.07 -18.45 -11.33
N ASP A 43 12.59 -18.58 -10.09
CA ASP A 43 12.33 -19.90 -9.51
C ASP A 43 10.98 -20.50 -9.90
N ASN A 44 10.00 -19.65 -10.24
CA ASN A 44 8.69 -20.14 -10.65
C ASN A 44 8.23 -19.47 -11.93
N GLN A 45 8.88 -19.81 -13.03
CA GLN A 45 8.55 -19.21 -14.32
C GLN A 45 7.08 -19.32 -14.72
N GLU A 46 6.39 -20.34 -14.21
CA GLU A 46 4.99 -20.53 -14.55
C GLU A 46 4.09 -19.43 -13.97
N THR A 47 4.65 -18.56 -13.14
CA THR A 47 3.85 -17.48 -12.57
C THR A 47 3.95 -16.19 -13.38
N ILE A 48 4.96 -16.10 -14.24
CA ILE A 48 5.17 -14.90 -15.05
C ILE A 48 3.96 -14.45 -15.86
N GLY A 49 3.18 -15.42 -16.34
CA GLY A 49 1.99 -15.09 -17.13
C GLY A 49 1.01 -14.15 -16.42
N TYR A 50 0.87 -14.32 -15.11
CA TYR A 50 -0.04 -13.47 -14.32
C TYR A 50 0.33 -12.00 -14.32
N PHE A 51 1.61 -11.70 -14.54
CA PHE A 51 2.10 -10.33 -14.51
C PHE A 51 2.29 -9.66 -15.85
N LYS A 52 1.45 -10.05 -16.81
CA LYS A 52 1.51 -9.50 -18.16
C LYS A 52 1.55 -7.97 -18.21
N ARG A 53 0.80 -7.30 -17.32
CA ARG A 53 0.76 -5.84 -17.31
C ARG A 53 2.10 -5.15 -17.06
N LEU A 54 3.00 -5.83 -16.36
CA LEU A 54 4.30 -5.25 -16.03
C LEU A 54 5.29 -5.25 -17.19
N GLY A 55 4.93 -5.91 -18.28
CA GLY A 55 5.83 -5.97 -19.43
C GLY A 55 6.93 -6.99 -19.26
N ASP A 56 8.13 -6.65 -19.73
CA ASP A 56 9.29 -7.54 -19.64
C ASP A 56 9.90 -7.52 -18.24
N VAL A 57 9.52 -8.49 -17.42
CA VAL A 57 10.00 -8.57 -16.04
C VAL A 57 11.46 -9.00 -15.92
N SER A 58 12.06 -9.48 -17.01
CA SER A 58 13.45 -9.92 -16.98
C SER A 58 14.37 -8.70 -16.91
N GLN A 59 13.81 -7.52 -17.12
CA GLN A 59 14.58 -6.28 -17.07
C GLN A 59 14.80 -5.84 -15.63
N GLY A 60 14.12 -6.51 -14.71
CA GLY A 60 14.27 -6.20 -13.29
C GLY A 60 14.11 -4.74 -12.91
N MET A 61 15.10 -4.22 -12.19
CA MET A 61 15.10 -2.85 -11.71
C MET A 61 14.91 -1.80 -12.81
N ALA A 62 15.32 -2.14 -14.03
CA ALA A 62 15.21 -1.22 -15.17
C ALA A 62 13.79 -1.06 -15.68
N ASN A 63 12.90 -1.97 -15.27
CA ASN A 63 11.52 -1.94 -15.67
C ASN A 63 10.74 -1.05 -14.68
N ASP A 64 10.29 0.11 -15.15
CA ASP A 64 9.56 1.05 -14.30
C ASP A 64 8.30 0.49 -13.64
N LYS A 65 7.53 -0.27 -14.41
CA LYS A 65 6.30 -0.85 -13.87
C LYS A 65 6.60 -1.86 -12.79
N LEU A 66 7.65 -2.67 -13.01
CA LEU A 66 8.03 -3.67 -12.03
C LEU A 66 8.53 -2.98 -10.75
N ARG A 67 9.32 -1.92 -10.90
CA ARG A 67 9.83 -1.23 -9.72
C ARG A 67 8.67 -0.61 -8.93
N GLY A 68 7.74 0.03 -9.63
CA GLY A 68 6.60 0.63 -8.96
C GLY A 68 5.80 -0.43 -8.21
N HIS A 69 5.57 -1.56 -8.88
CA HIS A 69 4.83 -2.68 -8.30
C HIS A 69 5.53 -3.22 -7.07
N SER A 70 6.85 -3.42 -7.18
CA SER A 70 7.67 -3.97 -6.10
C SER A 70 7.72 -3.08 -4.87
N ILE A 71 7.88 -1.78 -5.07
CA ILE A 71 7.93 -0.85 -3.95
C ILE A 71 6.57 -0.86 -3.25
N THR A 72 5.50 -0.83 -4.03
CA THR A 72 4.15 -0.84 -3.46
C THR A 72 3.88 -2.11 -2.66
N LEU A 73 4.38 -3.24 -3.17
CA LEU A 73 4.22 -4.52 -2.49
C LEU A 73 4.83 -4.47 -1.09
N MET A 74 5.97 -3.79 -0.96
CA MET A 74 6.63 -3.71 0.33
C MET A 74 5.84 -2.88 1.34
N TYR A 75 4.99 -1.97 0.86
CA TYR A 75 4.17 -1.17 1.76
C TYR A 75 2.94 -1.99 2.20
N ALA A 76 2.63 -3.04 1.46
CA ALA A 76 1.51 -3.91 1.86
C ALA A 76 2.01 -4.70 3.06
N LEU A 77 3.28 -5.12 2.99
CA LEU A 77 3.88 -5.87 4.09
C LEU A 77 4.08 -4.95 5.30
N GLN A 78 4.44 -3.70 5.04
CA GLN A 78 4.64 -2.74 6.13
C GLN A 78 3.32 -2.60 6.88
N ASN A 79 2.23 -2.57 6.11
CA ASN A 79 0.87 -2.45 6.64
C ASN A 79 0.58 -3.64 7.58
N PHE A 80 0.82 -4.86 7.10
CA PHE A 80 0.60 -6.06 7.91
C PHE A 80 1.38 -5.99 9.23
N ILE A 81 2.66 -5.65 9.15
CA ILE A 81 3.51 -5.56 10.35
C ILE A 81 2.94 -4.57 11.36
N ASP A 82 2.49 -3.42 10.87
CA ASP A 82 1.93 -2.41 11.76
C ASP A 82 0.61 -2.83 12.41
N GLN A 83 -0.11 -3.76 11.80
CA GLN A 83 -1.38 -4.21 12.36
C GLN A 83 -1.27 -5.42 13.29
N LEU A 84 -0.06 -5.93 13.49
CA LEU A 84 0.14 -7.10 14.33
C LEU A 84 -0.44 -6.99 15.74
N ASP A 85 -0.52 -5.77 16.27
CA ASP A 85 -1.06 -5.56 17.60
C ASP A 85 -2.56 -5.81 17.72
N ASN A 86 -3.29 -5.50 16.65
CA ASN A 86 -4.75 -5.66 16.64
C ASN A 86 -5.21 -6.63 15.55
N PRO A 87 -5.54 -7.87 15.93
CA PRO A 87 -5.99 -8.88 14.97
C PRO A 87 -7.19 -8.49 14.11
N ASP A 88 -8.09 -7.68 14.67
CA ASP A 88 -9.27 -7.25 13.93
C ASP A 88 -8.85 -6.37 12.76
N ASP A 89 -7.84 -5.53 12.98
CA ASP A 89 -7.36 -4.66 11.91
C ASP A 89 -6.46 -5.41 10.95
N LEU A 90 -5.69 -6.37 11.46
CA LEU A 90 -4.83 -7.15 10.58
C LEU A 90 -5.70 -7.92 9.60
N VAL A 91 -6.78 -8.50 10.10
CA VAL A 91 -7.69 -9.27 9.27
C VAL A 91 -8.34 -8.43 8.16
N CYS A 92 -8.82 -7.23 8.48
CA CYS A 92 -9.46 -6.44 7.45
C CYS A 92 -8.51 -5.96 6.35
N VAL A 93 -7.23 -5.74 6.68
CA VAL A 93 -6.30 -5.33 5.63
C VAL A 93 -5.88 -6.55 4.81
N VAL A 94 -5.79 -7.71 5.46
CA VAL A 94 -5.45 -8.95 4.75
C VAL A 94 -6.54 -9.31 3.75
N GLU A 95 -7.79 -9.14 4.15
CA GLU A 95 -8.89 -9.46 3.26
C GLU A 95 -8.94 -8.48 2.08
N LYS A 96 -8.61 -7.22 2.32
CA LYS A 96 -8.61 -6.22 1.26
C LYS A 96 -7.57 -6.64 0.22
N PHE A 97 -6.39 -7.06 0.67
N PHE A 97 -6.44 -7.07 0.74
CA PHE A 97 -5.38 -7.47 -0.30
CA PHE A 97 -5.31 -7.52 -0.04
C PHE A 97 -5.71 -8.83 -0.91
C PHE A 97 -5.62 -8.82 -0.80
N ALA A 98 -6.40 -9.68 -0.16
CA ALA A 98 -6.78 -10.98 -0.71
C ALA A 98 -7.68 -10.78 -1.94
N VAL A 99 -8.57 -9.80 -1.86
CA VAL A 99 -9.49 -9.50 -2.96
C VAL A 99 -8.72 -9.15 -4.22
N ASN A 100 -7.67 -8.35 -4.07
CA ASN A 100 -6.83 -7.95 -5.20
C ASN A 100 -6.23 -9.15 -5.92
N HIS A 101 -6.00 -10.23 -5.19
CA HIS A 101 -5.43 -11.41 -5.82
C HIS A 101 -6.51 -12.38 -6.29
N ILE A 102 -7.62 -12.44 -5.55
CA ILE A 102 -8.73 -13.30 -5.93
C ILE A 102 -9.19 -12.91 -7.34
N THR A 103 -9.21 -11.61 -7.61
CA THR A 103 -9.64 -11.12 -8.91
C THR A 103 -8.66 -11.50 -10.00
N ARG A 104 -7.40 -11.71 -9.63
CA ARG A 104 -6.37 -12.10 -10.58
C ARG A 104 -6.32 -13.62 -10.71
N LYS A 105 -7.25 -14.29 -10.04
CA LYS A 105 -7.34 -15.75 -10.08
C LYS A 105 -6.18 -16.47 -9.42
N ILE A 106 -5.68 -15.90 -8.32
CA ILE A 106 -4.55 -16.50 -7.59
C ILE A 106 -5.07 -17.32 -6.42
N SER A 107 -4.73 -18.61 -6.42
CA SER A 107 -5.17 -19.53 -5.36
C SER A 107 -4.26 -19.48 -4.16
N ALA A 108 -4.72 -20.07 -3.05
CA ALA A 108 -3.93 -20.12 -1.83
C ALA A 108 -2.63 -20.86 -2.13
N ALA A 109 -2.73 -21.95 -2.90
CA ALA A 109 -1.55 -22.74 -3.24
C ALA A 109 -0.53 -21.94 -4.03
N GLU A 110 -0.98 -21.21 -5.04
CA GLU A 110 -0.04 -20.43 -5.84
C GLU A 110 0.52 -19.24 -5.10
N PHE A 111 -0.28 -18.65 -4.22
CA PHE A 111 0.18 -17.52 -3.42
C PHE A 111 1.35 -18.00 -2.55
N GLY A 112 1.22 -19.24 -2.08
CA GLY A 112 2.25 -19.84 -1.24
C GLY A 112 3.61 -19.99 -1.89
N LYS A 113 3.65 -19.87 -3.21
CA LYS A 113 4.92 -20.00 -3.92
C LYS A 113 5.88 -18.87 -3.55
N ILE A 114 5.38 -17.87 -2.82
CA ILE A 114 6.22 -16.75 -2.42
C ILE A 114 7.14 -17.11 -1.24
N ASN A 115 6.83 -18.20 -0.55
CA ASN A 115 7.64 -18.62 0.60
C ASN A 115 9.07 -18.95 0.18
N GLY A 116 9.23 -19.60 -0.97
CA GLY A 116 10.57 -19.93 -1.44
C GLY A 116 11.40 -18.67 -1.57
N PRO A 117 10.95 -17.69 -2.35
CA PRO A 117 11.68 -16.44 -2.52
C PRO A 117 11.95 -15.70 -1.20
N ILE A 118 10.98 -15.70 -0.30
CA ILE A 118 11.14 -15.03 0.99
C ILE A 118 12.33 -15.66 1.74
N LYS A 119 12.38 -16.99 1.77
CA LYS A 119 13.47 -17.68 2.44
C LYS A 119 14.83 -17.33 1.84
N LYS A 120 14.90 -17.28 0.50
CA LYS A 120 16.14 -16.94 -0.18
C LYS A 120 16.62 -15.52 0.09
N VAL A 121 15.70 -14.56 0.06
CA VAL A 121 16.09 -13.17 0.30
C VAL A 121 16.50 -13.02 1.77
N LEU A 122 15.75 -13.65 2.67
CA LEU A 122 16.09 -13.58 4.09
C LEU A 122 17.48 -14.16 4.30
N ALA A 123 17.75 -15.31 3.68
CA ALA A 123 19.04 -15.97 3.80
C ALA A 123 20.19 -15.07 3.37
N SER A 124 20.00 -14.35 2.28
CA SER A 124 21.05 -13.46 1.78
C SER A 124 21.32 -12.30 2.76
N LYS A 125 20.48 -12.17 3.78
CA LYS A 125 20.62 -11.12 4.78
C LYS A 125 21.00 -11.72 6.13
N ASN A 126 21.34 -13.01 6.11
CA ASN A 126 21.73 -13.75 7.31
C ASN A 126 20.58 -14.06 8.26
N PHE A 127 19.38 -14.26 7.72
CA PHE A 127 18.22 -14.63 8.53
C PHE A 127 17.86 -16.05 8.11
N GLY A 128 18.02 -17.00 9.03
CA GLY A 128 17.76 -18.40 8.72
C GLY A 128 16.32 -18.88 8.75
N ASP A 129 16.19 -20.21 8.76
CA ASP A 129 14.88 -20.88 8.77
C ASP A 129 13.89 -20.37 9.81
N LYS A 130 14.40 -20.01 10.98
CA LYS A 130 13.55 -19.50 12.05
C LYS A 130 12.70 -18.33 11.55
N TYR A 131 13.34 -17.41 10.85
CA TYR A 131 12.67 -16.24 10.30
C TYR A 131 11.82 -16.56 9.09
N ALA A 132 12.27 -17.49 8.26
CA ALA A 132 11.50 -17.86 7.09
C ALA A 132 10.17 -18.49 7.53
N ASN A 133 10.20 -19.25 8.62
CA ASN A 133 9.01 -19.91 9.12
C ASN A 133 8.05 -18.87 9.72
N ALA A 134 8.59 -17.85 10.35
CA ALA A 134 7.75 -16.80 10.94
C ALA A 134 6.98 -16.13 9.81
N TRP A 135 7.69 -15.80 8.73
CA TRP A 135 7.04 -15.14 7.60
C TRP A 135 6.04 -16.06 6.92
N ALA A 136 6.29 -17.37 6.95
CA ALA A 136 5.38 -18.32 6.34
C ALA A 136 4.05 -18.29 7.09
N LYS A 137 4.09 -18.00 8.38
CA LYS A 137 2.87 -17.94 9.18
C LYS A 137 2.05 -16.70 8.83
N LEU A 138 2.73 -15.62 8.46
CA LEU A 138 2.02 -14.41 8.08
C LEU A 138 1.41 -14.66 6.70
N VAL A 139 2.19 -15.26 5.81
CA VAL A 139 1.70 -15.59 4.47
C VAL A 139 0.47 -16.49 4.59
N ALA A 140 0.48 -17.38 5.58
CA ALA A 140 -0.65 -18.30 5.80
C ALA A 140 -1.95 -17.57 6.12
N VAL A 141 -1.84 -16.37 6.72
CA VAL A 141 -3.02 -15.60 7.05
C VAL A 141 -3.66 -15.13 5.75
N VAL A 142 -2.84 -14.71 4.79
CA VAL A 142 -3.37 -14.28 3.50
C VAL A 142 -3.97 -15.48 2.77
N GLN A 143 -3.26 -16.60 2.79
CA GLN A 143 -3.75 -17.81 2.13
C GLN A 143 -5.12 -18.23 2.64
N ALA A 144 -5.37 -18.01 3.92
CA ALA A 144 -6.66 -18.39 4.52
C ALA A 144 -7.82 -17.56 3.96
N ALA A 145 -7.49 -16.41 3.38
CA ALA A 145 -8.51 -15.52 2.83
C ALA A 145 -8.71 -15.68 1.33
N LEU A 146 -7.91 -16.52 0.69
CA LEU A 146 -8.01 -16.71 -0.76
C LEU A 146 -8.97 -17.85 -1.13
N SER B 2 4.18 16.50 -18.05
CA SER B 2 4.26 15.06 -17.69
C SER B 2 4.18 14.91 -16.17
N VAL B 3 4.08 13.67 -15.71
CA VAL B 3 4.02 13.38 -14.28
C VAL B 3 5.36 13.80 -13.67
N TYR B 4 6.43 13.49 -14.40
CA TYR B 4 7.78 13.82 -13.95
C TYR B 4 7.89 15.32 -13.69
N ASP B 5 7.39 16.12 -14.63
CA ASP B 5 7.42 17.58 -14.48
C ASP B 5 6.69 18.01 -13.22
N ALA B 6 5.53 17.40 -12.98
CA ALA B 6 4.70 17.71 -11.82
C ALA B 6 5.42 17.34 -10.51
N ALA B 7 6.14 16.23 -10.53
CA ALA B 7 6.87 15.78 -9.35
C ALA B 7 8.15 16.60 -9.19
N ALA B 8 8.91 16.69 -10.26
CA ALA B 8 10.16 17.42 -10.28
C ALA B 8 10.00 18.86 -9.79
N GLN B 9 8.76 19.34 -9.77
CA GLN B 9 8.52 20.71 -9.33
C GLN B 9 8.31 20.89 -7.83
N LEU B 10 7.97 19.81 -7.12
CA LEU B 10 7.75 19.86 -5.66
C LEU B 10 9.01 20.40 -4.98
N THR B 11 8.94 21.64 -4.50
CA THR B 11 10.08 22.29 -3.87
C THR B 11 10.40 21.85 -2.44
N ALA B 12 11.58 22.25 -1.96
CA ALA B 12 12.02 21.91 -0.62
C ALA B 12 11.05 22.36 0.46
N ASP B 13 10.41 23.50 0.27
CA ASP B 13 9.46 24.01 1.26
C ASP B 13 8.19 23.19 1.25
N VAL B 14 7.78 22.76 0.07
CA VAL B 14 6.57 21.95 -0.08
C VAL B 14 6.80 20.58 0.55
N LYS B 15 7.94 19.95 0.27
CA LYS B 15 8.25 18.64 0.83
C LYS B 15 8.35 18.74 2.35
N LYS B 16 8.88 19.86 2.84
CA LYS B 16 8.99 20.06 4.28
C LYS B 16 7.61 20.11 4.92
N ASP B 17 6.70 20.89 4.33
CA ASP B 17 5.34 20.99 4.86
C ASP B 17 4.62 19.64 4.76
N LEU B 18 4.86 18.90 3.68
CA LEU B 18 4.22 17.60 3.53
C LEU B 18 4.69 16.65 4.63
N ARG B 19 6.00 16.63 4.87
CA ARG B 19 6.58 15.75 5.88
C ARG B 19 6.15 16.12 7.30
N ASP B 20 6.16 17.42 7.61
CA ASP B 20 5.77 17.85 8.95
C ASP B 20 4.31 17.51 9.26
N SER B 21 3.42 17.70 8.28
CA SER B 21 2.01 17.40 8.51
C SER B 21 1.75 15.89 8.55
N TRP B 22 2.51 15.14 7.74
CA TRP B 22 2.35 13.69 7.72
C TRP B 22 2.82 13.04 9.01
N LYS B 23 3.78 13.67 9.69
CA LYS B 23 4.27 13.14 10.95
C LYS B 23 3.10 12.97 11.91
N VAL B 24 2.18 13.93 11.86
CA VAL B 24 0.99 13.90 12.72
C VAL B 24 -0.15 13.07 12.09
N ILE B 25 -0.54 13.44 10.89
CA ILE B 25 -1.63 12.73 10.20
C ILE B 25 -1.34 11.25 10.02
N GLY B 26 -0.10 10.93 9.67
CA GLY B 26 0.28 9.54 9.47
C GLY B 26 0.49 8.70 10.72
N SER B 27 0.47 9.34 11.89
CA SER B 27 0.67 8.60 13.14
C SER B 27 -0.60 7.88 13.58
N ASP B 28 -1.71 8.18 12.92
CA ASP B 28 -2.99 7.53 13.22
C ASP B 28 -3.65 7.24 11.89
N LYS B 29 -3.13 6.25 11.19
CA LYS B 29 -3.65 5.92 9.86
C LYS B 29 -5.10 5.45 9.85
N LYS B 30 -5.49 4.63 10.83
CA LYS B 30 -6.86 4.15 10.90
C LYS B 30 -7.86 5.27 11.19
N GLY B 31 -7.56 6.08 12.20
CA GLY B 31 -8.47 7.17 12.54
C GLY B 31 -8.58 8.22 11.45
N ASN B 32 -7.45 8.69 10.95
CA ASN B 32 -7.44 9.73 9.93
C ASN B 32 -7.86 9.26 8.55
N GLY B 33 -7.57 8.00 8.24
CA GLY B 33 -7.96 7.46 6.95
C GLY B 33 -9.48 7.33 6.87
N VAL B 34 -10.10 6.81 7.91
CA VAL B 34 -11.56 6.66 7.92
C VAL B 34 -12.22 8.04 7.92
N ALA B 35 -11.64 8.98 8.66
CA ALA B 35 -12.18 10.34 8.72
C ALA B 35 -12.14 10.97 7.32
N LEU B 36 -11.10 10.69 6.57
CA LEU B 36 -10.97 11.23 5.22
C LEU B 36 -12.08 10.67 4.34
N MET B 37 -12.25 9.36 4.36
CA MET B 37 -13.28 8.72 3.56
C MET B 37 -14.69 9.15 3.94
N THR B 38 -14.97 9.22 5.24
CA THR B 38 -16.29 9.61 5.68
C THR B 38 -16.59 11.06 5.29
N THR B 39 -15.56 11.91 5.33
CA THR B 39 -15.74 13.31 4.96
C THR B 39 -16.02 13.41 3.45
N LEU B 40 -15.35 12.58 2.66
CA LEU B 40 -15.57 12.59 1.21
C LEU B 40 -17.02 12.21 0.90
N PHE B 41 -17.53 11.21 1.59
CA PHE B 41 -18.90 10.76 1.35
C PHE B 41 -19.94 11.76 1.84
N ALA B 42 -19.60 12.53 2.85
CA ALA B 42 -20.52 13.51 3.39
C ALA B 42 -20.65 14.74 2.49
N ASP B 43 -19.51 15.19 1.96
CA ASP B 43 -19.45 16.38 1.11
C ASP B 43 -19.66 16.11 -0.38
N ASN B 44 -19.42 14.86 -0.80
CA ASN B 44 -19.60 14.49 -2.21
C ASN B 44 -20.36 13.18 -2.28
N GLN B 45 -21.64 13.22 -1.95
CA GLN B 45 -22.47 12.03 -1.94
C GLN B 45 -22.52 11.33 -3.31
N GLU B 46 -22.22 12.08 -4.36
CA GLU B 46 -22.25 11.51 -5.70
C GLU B 46 -21.15 10.48 -5.94
N THR B 47 -20.17 10.42 -5.03
CA THR B 47 -19.07 9.46 -5.18
C THR B 47 -19.35 8.14 -4.48
N ILE B 48 -20.39 8.10 -3.64
CA ILE B 48 -20.71 6.88 -2.91
C ILE B 48 -20.86 5.66 -3.82
N GLY B 49 -21.56 5.82 -4.94
CA GLY B 49 -21.75 4.71 -5.86
C GLY B 49 -20.49 3.98 -6.29
N TYR B 50 -19.39 4.70 -6.41
CA TYR B 50 -18.11 4.11 -6.83
C TYR B 50 -17.55 3.08 -5.85
N PHE B 51 -17.95 3.18 -4.59
CA PHE B 51 -17.44 2.30 -3.55
C PHE B 51 -18.41 1.22 -3.11
N LYS B 52 -19.23 0.74 -4.04
CA LYS B 52 -20.20 -0.30 -3.72
C LYS B 52 -19.58 -1.58 -3.14
N ARG B 53 -18.32 -1.87 -3.48
CA ARG B 53 -17.67 -3.07 -2.95
C ARG B 53 -17.54 -3.01 -1.43
N LEU B 54 -17.47 -1.80 -0.89
CA LEU B 54 -17.30 -1.61 0.55
C LEU B 54 -18.56 -1.73 1.38
N GLY B 55 -19.69 -2.00 0.75
CA GLY B 55 -20.93 -2.13 1.50
C GLY B 55 -21.50 -0.79 1.95
N ASP B 56 -22.10 -0.78 3.14
CA ASP B 56 -22.71 0.44 3.68
C ASP B 56 -21.63 1.33 4.30
N VAL B 57 -21.18 2.33 3.55
CA VAL B 57 -20.13 3.19 4.07
C VAL B 57 -20.57 4.10 5.20
N SER B 58 -21.87 4.14 5.50
CA SER B 58 -22.33 5.00 6.58
C SER B 58 -22.04 4.34 7.94
N GLN B 59 -21.61 3.08 7.91
CA GLN B 59 -21.29 2.35 9.14
C GLN B 59 -19.95 2.82 9.72
N GLY B 60 -19.19 3.57 8.94
CA GLY B 60 -17.92 4.08 9.39
C GLY B 60 -16.93 3.02 9.86
N MET B 61 -16.32 3.27 11.02
CA MET B 61 -15.32 2.38 11.61
C MET B 61 -15.76 0.92 11.75
N ALA B 62 -17.05 0.71 12.03
CA ALA B 62 -17.58 -0.64 12.21
C ALA B 62 -17.56 -1.47 10.92
N ASN B 63 -17.53 -0.79 9.79
CA ASN B 63 -17.50 -1.47 8.49
C ASN B 63 -16.06 -1.93 8.28
N ASP B 64 -15.83 -3.24 8.37
CA ASP B 64 -14.49 -3.81 8.21
C ASP B 64 -13.88 -3.57 6.82
N LYS B 65 -14.71 -3.61 5.79
CA LYS B 65 -14.23 -3.37 4.43
C LYS B 65 -13.78 -1.92 4.26
N LEU B 66 -14.54 -0.99 4.83
CA LEU B 66 -14.19 0.42 4.74
C LEU B 66 -12.95 0.68 5.57
N ARG B 67 -12.85 0.02 6.73
CA ARG B 67 -11.70 0.20 7.60
C ARG B 67 -10.43 -0.32 6.91
N GLY B 68 -10.53 -1.47 6.25
CA GLY B 68 -9.39 -2.04 5.56
C GLY B 68 -8.96 -1.19 4.38
N HIS B 69 -9.94 -0.61 3.69
CA HIS B 69 -9.66 0.24 2.54
C HIS B 69 -8.96 1.52 2.99
N SER B 70 -9.50 2.10 4.07
CA SER B 70 -8.97 3.34 4.61
C SER B 70 -7.55 3.26 5.15
N ILE B 71 -7.23 2.17 5.83
CA ILE B 71 -5.89 2.01 6.36
C ILE B 71 -4.92 1.84 5.20
N THR B 72 -5.32 1.03 4.23
CA THR B 72 -4.51 0.76 3.06
C THR B 72 -4.27 2.04 2.26
N LEU B 73 -5.29 2.88 2.18
CA LEU B 73 -5.17 4.15 1.47
C LEU B 73 -4.06 4.99 2.09
N MET B 74 -3.96 4.97 3.41
CA MET B 74 -2.94 5.74 4.10
C MET B 74 -1.51 5.25 3.79
N TYR B 75 -1.35 3.98 3.45
CA TYR B 75 -0.04 3.45 3.13
C TYR B 75 0.39 3.83 1.70
N ALA B 76 -0.59 4.18 0.87
CA ALA B 76 -0.28 4.63 -0.48
C ALA B 76 0.32 6.02 -0.30
N LEU B 77 -0.23 6.77 0.65
CA LEU B 77 0.28 8.11 0.92
C LEU B 77 1.64 8.03 1.59
N GLN B 78 1.82 7.03 2.45
CA GLN B 78 3.11 6.84 3.13
C GLN B 78 4.16 6.59 2.07
N ASN B 79 3.79 5.77 1.08
CA ASN B 79 4.66 5.43 -0.03
C ASN B 79 5.10 6.72 -0.73
N PHE B 80 4.14 7.56 -1.09
CA PHE B 80 4.42 8.82 -1.78
C PHE B 80 5.36 9.70 -0.98
N ILE B 81 5.09 9.88 0.30
CA ILE B 81 5.92 10.71 1.17
C ILE B 81 7.35 10.17 1.23
N ASP B 82 7.49 8.85 1.34
CA ASP B 82 8.82 8.24 1.42
C ASP B 82 9.65 8.42 0.14
N GLN B 83 8.97 8.58 -1.00
CA GLN B 83 9.67 8.75 -2.28
C GLN B 83 9.88 10.20 -2.72
N LEU B 84 9.54 11.17 -1.87
CA LEU B 84 9.66 12.58 -2.25
C LEU B 84 11.02 13.04 -2.76
N ASP B 85 12.11 12.50 -2.22
CA ASP B 85 13.43 12.94 -2.66
C ASP B 85 13.98 12.25 -3.90
N ASN B 86 13.18 11.38 -4.50
CA ASN B 86 13.60 10.70 -5.72
C ASN B 86 12.43 10.68 -6.70
N PRO B 87 12.31 11.74 -7.52
CA PRO B 87 11.23 11.86 -8.52
C PRO B 87 11.01 10.62 -9.36
N ASP B 88 12.09 9.94 -9.72
CA ASP B 88 11.96 8.73 -10.52
C ASP B 88 11.15 7.66 -9.79
N ASP B 89 11.43 7.49 -8.50
CA ASP B 89 10.69 6.49 -7.72
C ASP B 89 9.26 6.98 -7.45
N LEU B 90 9.10 8.28 -7.22
CA LEU B 90 7.77 8.82 -6.98
C LEU B 90 6.90 8.61 -8.21
N VAL B 91 7.44 8.93 -9.37
CA VAL B 91 6.69 8.77 -10.60
C VAL B 91 6.21 7.33 -10.84
N CYS B 92 7.09 6.35 -10.67
CA CYS B 92 6.66 4.98 -10.92
C CYS B 92 5.63 4.46 -9.93
N VAL B 93 5.65 4.95 -8.68
CA VAL B 93 4.65 4.48 -7.73
C VAL B 93 3.33 5.23 -7.96
N VAL B 94 3.43 6.48 -8.42
CA VAL B 94 2.24 7.27 -8.73
C VAL B 94 1.55 6.70 -9.97
N GLU B 95 2.32 6.29 -10.96
CA GLU B 95 1.72 5.72 -12.16
C GLU B 95 1.03 4.39 -11.85
N LYS B 96 1.61 3.61 -10.95
CA LYS B 96 1.02 2.33 -10.57
C LYS B 96 -0.33 2.63 -9.93
N PHE B 97 -0.36 3.55 -8.97
N PHE B 97 -0.31 3.57 -9.00
CA PHE B 97 -1.62 3.88 -8.32
CA PHE B 97 -1.48 4.02 -8.28
C PHE B 97 -2.61 4.55 -9.27
C PHE B 97 -2.55 4.60 -9.21
N ALA B 98 -2.11 5.28 -10.27
CA ALA B 98 -3.00 5.91 -11.23
C ALA B 98 -3.81 4.84 -11.99
N VAL B 99 -3.16 3.74 -12.35
CA VAL B 99 -3.81 2.66 -13.07
C VAL B 99 -4.99 2.11 -12.28
N ASN B 100 -4.84 2.00 -10.96
CA ASN B 100 -5.91 1.49 -10.10
C ASN B 100 -7.17 2.35 -10.20
N HIS B 101 -7.00 3.65 -10.40
CA HIS B 101 -8.15 4.54 -10.50
C HIS B 101 -8.63 4.70 -11.94
N ILE B 102 -7.71 4.59 -12.90
CA ILE B 102 -8.08 4.70 -14.31
C ILE B 102 -9.02 3.54 -14.65
N THR B 103 -8.74 2.37 -14.09
CA THR B 103 -9.59 1.21 -14.33
C THR B 103 -10.99 1.44 -13.77
N ARG B 104 -11.11 2.27 -12.74
CA ARG B 104 -12.42 2.57 -12.14
C ARG B 104 -13.04 3.80 -12.81
N LYS B 105 -12.44 4.26 -13.89
CA LYS B 105 -12.94 5.41 -14.63
C LYS B 105 -12.99 6.69 -13.79
N ILE B 106 -11.97 6.90 -12.96
CA ILE B 106 -11.90 8.10 -12.12
C ILE B 106 -11.04 9.11 -12.88
N SER B 107 -11.65 10.26 -13.25
CA SER B 107 -10.95 11.30 -13.99
C SER B 107 -10.08 12.17 -13.07
N ALA B 108 -9.21 12.97 -13.69
CA ALA B 108 -8.34 13.86 -12.93
C ALA B 108 -9.20 14.83 -12.13
N ALA B 109 -10.28 15.30 -12.73
CA ALA B 109 -11.18 16.23 -12.05
C ALA B 109 -11.83 15.58 -10.84
N GLU B 110 -12.33 14.35 -10.99
CA GLU B 110 -12.97 13.66 -9.88
C GLU B 110 -11.98 13.33 -8.78
N PHE B 111 -10.75 12.97 -9.16
CA PHE B 111 -9.74 12.65 -8.17
C PHE B 111 -9.44 13.89 -7.32
N GLY B 112 -9.53 15.07 -7.93
CA GLY B 112 -9.30 16.31 -7.21
C GLY B 112 -10.32 16.62 -6.14
N LYS B 113 -11.44 15.90 -6.14
CA LYS B 113 -12.47 16.13 -5.13
C LYS B 113 -11.92 15.81 -3.73
N ILE B 114 -10.84 15.04 -3.68
CA ILE B 114 -10.23 14.66 -2.39
C ILE B 114 -9.63 15.87 -1.67
N ASN B 115 -9.36 16.94 -2.40
CA ASN B 115 -8.75 18.12 -1.79
C ASN B 115 -9.59 18.77 -0.68
N GLY B 116 -10.92 18.73 -0.83
CA GLY B 116 -11.77 19.32 0.20
C GLY B 116 -11.60 18.56 1.51
N PRO B 117 -11.80 17.24 1.50
CA PRO B 117 -11.65 16.42 2.72
C PRO B 117 -10.25 16.56 3.33
N ILE B 118 -9.23 16.56 2.48
CA ILE B 118 -7.87 16.72 2.98
C ILE B 118 -7.75 18.02 3.76
N LYS B 119 -8.27 19.11 3.19
CA LYS B 119 -8.21 20.41 3.85
C LYS B 119 -8.91 20.39 5.21
N LYS B 120 -10.09 19.78 5.27
CA LYS B 120 -10.83 19.71 6.52
C LYS B 120 -10.15 18.87 7.60
N VAL B 121 -9.65 17.71 7.22
CA VAL B 121 -8.98 16.85 8.20
C VAL B 121 -7.70 17.52 8.70
N LEU B 122 -6.98 18.20 7.81
CA LEU B 122 -5.77 18.91 8.19
C LEU B 122 -6.11 20.00 9.20
N ALA B 123 -7.21 20.70 8.96
CA ALA B 123 -7.65 21.77 9.85
C ALA B 123 -8.02 21.25 11.23
N SER B 124 -8.55 20.03 11.29
CA SER B 124 -8.93 19.44 12.57
C SER B 124 -7.70 19.21 13.43
N LYS B 125 -6.52 19.17 12.80
CA LYS B 125 -5.27 18.98 13.52
C LYS B 125 -4.49 20.29 13.52
N ASN B 126 -5.18 21.38 13.23
CA ASN B 126 -4.61 22.72 13.19
C ASN B 126 -3.56 23.01 12.12
N PHE B 127 -3.63 22.31 11.01
CA PHE B 127 -2.72 22.55 9.89
C PHE B 127 -3.54 23.40 8.91
N GLY B 128 -3.11 24.64 8.72
CA GLY B 128 -3.83 25.58 7.86
C GLY B 128 -3.70 25.48 6.36
N ASP B 129 -4.12 26.56 5.69
CA ASP B 129 -4.10 26.65 4.23
C ASP B 129 -2.78 26.30 3.57
N LYS B 130 -1.68 26.78 4.15
CA LYS B 130 -0.37 26.50 3.60
C LYS B 130 -0.17 25.00 3.41
N TYR B 131 -0.59 24.23 4.40
CA TYR B 131 -0.45 22.77 4.36
C TYR B 131 -1.42 22.14 3.36
N ALA B 132 -2.63 22.66 3.28
CA ALA B 132 -3.62 22.13 2.33
C ALA B 132 -3.12 22.38 0.92
N ASN B 133 -2.47 23.52 0.71
CA ASN B 133 -1.92 23.85 -0.61
C ASN B 133 -0.78 22.90 -0.96
N ALA B 134 -0.01 22.50 0.05
CA ALA B 134 1.10 21.57 -0.17
C ALA B 134 0.56 20.22 -0.63
N TRP B 135 -0.49 19.76 0.04
CA TRP B 135 -1.09 18.47 -0.34
C TRP B 135 -1.77 18.51 -1.69
N ALA B 136 -2.34 19.66 -2.05
CA ALA B 136 -2.99 19.80 -3.34
C ALA B 136 -1.95 19.64 -4.44
N LYS B 137 -0.72 20.06 -4.16
CA LYS B 137 0.38 19.93 -5.11
C LYS B 137 0.77 18.47 -5.30
N LEU B 138 0.70 17.68 -4.23
CA LEU B 138 1.04 16.26 -4.34
C LEU B 138 -0.11 15.54 -5.08
N VAL B 139 -1.33 15.96 -4.81
CA VAL B 139 -2.50 15.38 -5.48
C VAL B 139 -2.40 15.68 -6.98
N ALA B 140 -1.89 16.87 -7.31
CA ALA B 140 -1.74 17.28 -8.70
C ALA B 140 -0.78 16.35 -9.44
N VAL B 141 0.17 15.76 -8.73
CA VAL B 141 1.12 14.85 -9.36
C VAL B 141 0.35 13.63 -9.87
N VAL B 142 -0.61 13.17 -9.06
CA VAL B 142 -1.43 12.02 -9.44
C VAL B 142 -2.37 12.42 -10.58
N GLN B 143 -2.90 13.64 -10.51
CA GLN B 143 -3.80 14.12 -11.55
C GLN B 143 -3.10 14.18 -12.91
N ALA B 144 -1.80 14.44 -12.88
CA ALA B 144 -1.01 14.50 -14.12
C ALA B 144 -0.98 13.14 -14.80
N ALA B 145 -1.21 12.08 -14.02
CA ALA B 145 -1.19 10.73 -14.57
C ALA B 145 -2.58 10.20 -14.93
N LEU B 146 -3.61 11.00 -14.65
CA LEU B 146 -4.99 10.61 -14.94
C LEU B 146 -5.56 11.29 -16.19
#